data_2I6S
#
_entry.id   2I6S
#
_cell.length_a   51.160
_cell.length_b   75.080
_cell.length_c   71.560
_cell.angle_alpha   90.000
_cell.angle_beta   110.320
_cell.angle_gamma   90.000
#
_symmetry.space_group_name_H-M   'P 1 21 1'
#
loop_
_entity.id
_entity.type
_entity.pdbx_description
1 polymer 'Complement C2a fragment'
2 branched beta-D-mannopyranose-(1-3)-2-acetamido-2-deoxy-beta-D-glucopyranose-(1-4)-[beta-L-fucopyranose-(1-6)]2-acetamido-2-deoxy-beta-D-glucopyranose
3 branched beta-D-mannopyranose-(1-4)-2-acetamido-2-deoxy-beta-D-glucopyranose-(1-4)-2-acetamido-2-deoxy-beta-D-glucopyranose
4 branched 2-acetamido-2-deoxy-beta-D-glucopyranose-(1-4)-2-acetamido-2-deoxy-beta-D-glucopyranose
5 non-polymer 2-acetamido-2-deoxy-beta-D-glucopyranose
6 water water
#
_entity_poly.entity_id   1
_entity_poly.type   'polypeptide(L)'
_entity_poly.pdbx_seq_one_letter_code
;HHHHHHGSKIQIQRSGHLNLYLLLDCSQSVSENDFLIFKESASLMVDRIFSFEINVSVAIITFASEPKVLMSVLNDNSRD
MTEVISSLENANYKDHENGTGTNTYAALNSVYLMMNNQMRLLGMETMAWQEIRHAIILLTDGKSNMGGSPKTAVDHIREI
LNINQKRNDYLDIYAIGVGKLDVDWRELNELGSKKDGERHAFILQDTKALHQVFEHMLDVSKLTDTICGVGNMSANASDQ
ERTPWHVTIKPKSQETCRGALISDQWVLTAAHCFRDGNDHSLWRVNVGDPKSQWGKEFLIEKAVISPGFDVFAKKNQGIL
EFYGDDIALLKLAQKVKMSTHARPICLPCTMEANLALRRPQGSTCRDHENELLNKQSVPAHFVALNGSKLNINLKMGVEW
TSCAEVVSQEKTMFPNLTDVREVVTDQFLCSGTQEDESPCKGESGGAVFLERRFRFFQVGLVSWGLYNPCLGSADKNSRK
RAPRSKVPPPRDFHINLFRMQPWLRQHLGDVLNFLPL
;
_entity_poly.pdbx_strand_id   A
#
loop_
_chem_comp.id
_chem_comp.type
_chem_comp.name
_chem_comp.formula
BMA D-saccharide, beta linking beta-D-mannopyranose 'C6 H12 O6'
FUL L-saccharide, beta linking beta-L-fucopyranose 'C6 H12 O5'
NAG D-saccharide, beta linking 2-acetamido-2-deoxy-beta-D-glucopyranose 'C8 H15 N O6'
#
# COMPACT_ATOMS: atom_id res chain seq x y z
N SER A 8 -23.21 -4.91 -2.23
CA SER A 8 -22.20 -3.82 -2.19
C SER A 8 -20.78 -4.37 -2.15
N LYS A 9 -19.89 -3.73 -2.92
CA LYS A 9 -18.45 -3.96 -2.84
C LYS A 9 -17.97 -5.24 -3.53
N ILE A 10 -16.82 -5.14 -4.18
CA ILE A 10 -16.11 -6.30 -4.72
C ILE A 10 -15.28 -6.95 -3.61
N GLN A 11 -15.32 -8.27 -3.54
CA GLN A 11 -14.63 -9.00 -2.49
C GLN A 11 -13.18 -9.29 -2.83
N ILE A 12 -12.29 -8.95 -1.91
CA ILE A 12 -10.87 -9.29 -2.04
C ILE A 12 -10.50 -10.39 -1.05
N GLN A 13 -10.19 -11.57 -1.59
CA GLN A 13 -9.90 -12.75 -0.77
C GLN A 13 -9.02 -13.75 -1.53
N ARG A 14 -8.42 -14.67 -0.80
CA ARG A 14 -7.62 -15.73 -1.42
C ARG A 14 -8.50 -16.83 -2.01
N SER A 15 -9.78 -16.84 -1.63
CA SER A 15 -10.70 -17.90 -2.04
C SER A 15 -11.27 -17.63 -3.43
N GLY A 16 -11.18 -18.63 -4.30
CA GLY A 16 -11.81 -18.58 -5.60
C GLY A 16 -11.09 -17.70 -6.60
N HIS A 17 -11.85 -17.02 -7.44
CA HIS A 17 -11.29 -16.18 -8.49
C HIS A 17 -12.16 -14.94 -8.69
N LEU A 18 -11.54 -13.87 -9.19
CA LEU A 18 -12.27 -12.66 -9.54
C LEU A 18 -12.13 -12.38 -11.03
N ASN A 19 -13.27 -12.36 -11.73
CA ASN A 19 -13.32 -11.85 -13.08
C ASN A 19 -13.76 -10.40 -13.06
N LEU A 20 -12.85 -9.51 -13.47
CA LEU A 20 -13.14 -8.08 -13.56
C LEU A 20 -13.32 -7.71 -15.02
N TYR A 21 -14.46 -7.08 -15.34
CA TYR A 21 -14.75 -6.63 -16.70
C TYR A 21 -14.88 -5.11 -16.75
N LEU A 22 -13.99 -4.46 -17.50
CA LEU A 22 -13.99 -3.01 -17.60
C LEU A 22 -14.56 -2.52 -18.93
N LEU A 23 -15.75 -1.92 -18.87
CA LEU A 23 -16.45 -1.48 -20.07
C LEU A 23 -16.36 0.04 -20.24
N LEU A 24 -15.82 0.47 -21.38
CA LEU A 24 -15.50 1.87 -21.61
C LEU A 24 -16.35 2.49 -22.73
N ASP A 25 -17.01 3.59 -22.41
CA ASP A 25 -17.90 4.30 -23.34
C ASP A 25 -17.11 5.08 -24.39
N CYS A 26 -17.56 4.98 -25.64
CA CYS A 26 -16.87 5.62 -26.77
C CYS A 26 -17.81 6.34 -27.73
N SER A 27 -19.06 6.52 -27.33
CA SER A 27 -20.05 7.19 -28.16
C SER A 27 -19.71 8.67 -28.38
N GLN A 28 -20.49 9.33 -29.24
CA GLN A 28 -20.35 10.77 -29.47
C GLN A 28 -20.49 11.56 -28.18
N SER A 29 -21.41 11.11 -27.32
CA SER A 29 -21.62 11.70 -26.00
C SER A 29 -20.29 11.93 -25.26
N VAL A 30 -19.40 10.95 -25.36
CA VAL A 30 -18.10 11.01 -24.71
C VAL A 30 -17.07 11.62 -25.65
N SER A 31 -16.52 12.78 -25.26
CA SER A 31 -15.49 13.42 -26.05
C SER A 31 -14.17 12.66 -25.96
N GLU A 32 -13.25 12.93 -26.89
CA GLU A 32 -11.98 12.21 -26.94
C GLU A 32 -11.12 12.47 -25.69
N ASN A 33 -11.26 13.66 -25.11
CA ASN A 33 -10.62 13.97 -23.84
C ASN A 33 -11.22 13.22 -22.66
N ASP A 34 -12.52 12.95 -22.74
CA ASP A 34 -13.22 12.19 -21.71
C ASP A 34 -12.81 10.70 -21.71
N PHE A 35 -12.70 10.13 -22.91
CA PHE A 35 -12.28 8.73 -23.05
C PHE A 35 -10.84 8.53 -22.58
N LEU A 36 -10.01 9.55 -22.74
CA LEU A 36 -8.63 9.50 -22.27
C LEU A 36 -8.53 9.40 -20.75
N ILE A 37 -9.45 10.06 -20.04
CA ILE A 37 -9.51 9.96 -18.59
C ILE A 37 -10.18 8.67 -18.11
N PHE A 38 -10.99 8.05 -18.98
CA PHE A 38 -11.47 6.70 -18.74
C PHE A 38 -10.31 5.70 -18.81
N LYS A 39 -9.44 5.89 -19.79
CA LYS A 39 -8.23 5.07 -19.95
C LYS A 39 -7.34 5.12 -18.71
N GLU A 40 -7.13 6.32 -18.19
CA GLU A 40 -6.32 6.51 -16.98
C GLU A 40 -7.02 5.91 -15.76
N SER A 41 -8.34 6.02 -15.72
CA SER A 41 -9.12 5.49 -14.60
C SER A 41 -9.18 3.96 -14.63
N ALA A 42 -9.17 3.38 -15.83
CA ALA A 42 -9.21 1.93 -15.97
C ALA A 42 -7.86 1.31 -15.65
N SER A 43 -6.78 2.02 -15.97
CA SER A 43 -5.43 1.57 -15.65
C SER A 43 -5.26 1.39 -14.15
N LEU A 44 -5.62 2.43 -13.40
CA LEU A 44 -5.48 2.40 -11.94
C LEU A 44 -6.26 1.26 -11.31
N MET A 45 -7.51 1.08 -11.76
CA MET A 45 -8.33 -0.05 -11.32
C MET A 45 -7.59 -1.37 -11.50
N VAL A 46 -6.97 -1.54 -12.67
CA VAL A 46 -6.21 -2.75 -12.97
C VAL A 46 -5.00 -2.84 -12.04
N ASP A 47 -4.29 -1.73 -11.88
CA ASP A 47 -3.14 -1.66 -10.99
C ASP A 47 -3.49 -2.02 -9.55
N ARG A 48 -4.63 -1.52 -9.07
CA ARG A 48 -5.06 -1.76 -7.71
C ARG A 48 -5.47 -3.22 -7.48
N ILE A 49 -6.25 -3.77 -8.40
CA ILE A 49 -6.79 -5.12 -8.26
C ILE A 49 -5.69 -6.19 -8.34
N PHE A 50 -4.54 -5.80 -8.87
CA PHE A 50 -3.40 -6.71 -8.97
C PHE A 50 -2.41 -6.52 -7.83
N SER A 51 -2.70 -5.57 -6.95
CA SER A 51 -1.81 -5.26 -5.83
C SER A 51 -2.16 -6.04 -4.57
N PHE A 52 -3.24 -6.83 -4.65
CA PHE A 52 -3.70 -7.61 -3.51
C PHE A 52 -3.25 -9.06 -3.56
N GLU A 53 -2.50 -9.41 -4.60
CA GLU A 53 -1.94 -10.76 -4.78
C GLU A 53 -3.01 -11.85 -4.82
N ILE A 54 -4.19 -11.51 -5.33
CA ILE A 54 -5.26 -12.49 -5.47
C ILE A 54 -5.39 -12.98 -6.91
N ASN A 55 -6.11 -14.07 -7.12
CA ASN A 55 -6.36 -14.58 -8.45
C ASN A 55 -7.46 -13.79 -9.19
N VAL A 56 -7.03 -12.94 -10.11
CA VAL A 56 -7.94 -12.06 -10.82
C VAL A 56 -7.73 -12.15 -12.34
N SER A 57 -8.80 -11.96 -13.09
CA SER A 57 -8.71 -11.83 -14.54
C SER A 57 -9.43 -10.57 -15.00
N VAL A 58 -8.79 -9.81 -15.88
CA VAL A 58 -9.36 -8.55 -16.35
C VAL A 58 -9.72 -8.61 -17.83
N ALA A 59 -10.99 -8.38 -18.13
CA ALA A 59 -11.44 -8.19 -19.51
C ALA A 59 -11.50 -6.70 -19.85
N ILE A 60 -10.97 -6.34 -21.01
CA ILE A 60 -11.03 -4.97 -21.51
C ILE A 60 -11.96 -4.87 -22.72
N ILE A 61 -13.03 -4.10 -22.57
CA ILE A 61 -13.97 -3.87 -23.66
C ILE A 61 -14.21 -2.37 -23.85
N THR A 62 -14.20 -1.93 -25.11
CA THR A 62 -14.74 -0.64 -25.47
C THR A 62 -16.03 -0.85 -26.24
N PHE A 63 -16.97 0.07 -26.09
CA PHE A 63 -18.27 -0.08 -26.74
C PHE A 63 -18.86 1.26 -27.17
N ALA A 64 -19.59 1.23 -28.28
CA ALA A 64 -20.42 2.36 -28.70
C ALA A 64 -21.70 1.84 -29.39
N SER A 65 -21.63 1.65 -30.71
CA SER A 65 -22.69 0.95 -31.43
C SER A 65 -22.55 -0.56 -31.28
N GLU A 66 -21.31 -1.03 -31.31
CA GLU A 66 -21.00 -2.43 -30.99
C GLU A 66 -19.83 -2.51 -30.00
N PRO A 67 -19.76 -3.59 -29.24
CA PRO A 67 -18.66 -3.81 -28.31
C PRO A 67 -17.39 -4.29 -29.02
N LYS A 68 -16.23 -3.85 -28.53
CA LYS A 68 -14.94 -4.35 -28.98
C LYS A 68 -14.16 -4.96 -27.82
N VAL A 69 -13.89 -6.26 -27.91
CA VAL A 69 -13.17 -6.98 -26.87
C VAL A 69 -11.67 -6.91 -27.14
N LEU A 70 -10.94 -6.22 -26.27
CA LEU A 70 -9.49 -6.07 -26.41
C LEU A 70 -8.74 -7.07 -25.54
N MET A 71 -9.37 -7.46 -24.43
CA MET A 71 -8.86 -8.54 -23.59
C MET A 71 -10.02 -9.40 -23.10
N SER A 72 -9.86 -10.72 -23.21
CA SER A 72 -10.88 -11.67 -22.75
C SER A 72 -10.36 -12.53 -21.60
N VAL A 73 -11.26 -12.87 -20.69
CA VAL A 73 -10.93 -13.74 -19.55
C VAL A 73 -10.65 -15.17 -20.01
N LEU A 74 -11.05 -15.48 -21.23
CA LEU A 74 -10.69 -16.76 -21.85
C LEU A 74 -9.21 -16.79 -22.22
N ASN A 75 -8.65 -15.61 -22.48
CA ASN A 75 -7.22 -15.48 -22.70
C ASN A 75 -6.45 -15.56 -21.39
N ASP A 76 -5.35 -16.30 -21.38
CA ASP A 76 -4.52 -16.45 -20.20
C ASP A 76 -3.83 -15.15 -19.81
N ASN A 77 -3.72 -14.23 -20.77
CA ASN A 77 -3.07 -12.94 -20.53
C ASN A 77 -3.89 -12.03 -19.64
N SER A 78 -5.16 -12.36 -19.45
CA SER A 78 -6.05 -11.61 -18.57
C SER A 78 -5.65 -11.75 -17.10
N ARG A 79 -4.73 -12.67 -16.82
CA ARG A 79 -4.16 -12.84 -15.48
C ARG A 79 -2.78 -12.20 -15.38
N ASP A 80 -2.41 -11.43 -16.39
CA ASP A 80 -1.07 -10.85 -16.49
C ASP A 80 -1.18 -9.33 -16.57
N MET A 81 -0.75 -8.65 -15.51
CA MET A 81 -0.95 -7.20 -15.37
C MET A 81 -0.41 -6.42 -16.56
N THR A 82 0.83 -6.70 -16.94
CA THR A 82 1.47 -6.06 -18.09
C THR A 82 0.59 -6.15 -19.33
N GLU A 83 0.18 -7.37 -19.66
CA GLU A 83 -0.59 -7.63 -20.88
C GLU A 83 -1.92 -6.89 -20.90
N VAL A 84 -2.60 -6.90 -19.76
CA VAL A 84 -3.90 -6.23 -19.63
C VAL A 84 -3.78 -4.73 -19.91
N ILE A 85 -2.80 -4.09 -19.28
CA ILE A 85 -2.60 -2.66 -19.41
C ILE A 85 -2.15 -2.23 -20.80
N SER A 86 -1.36 -3.08 -21.47
CA SER A 86 -0.92 -2.81 -22.83
C SER A 86 -2.09 -2.85 -23.82
N SER A 87 -3.02 -3.77 -23.59
CA SER A 87 -4.24 -3.85 -24.40
C SER A 87 -5.21 -2.75 -24.02
N LEU A 88 -4.86 -2.00 -22.97
CA LEU A 88 -5.64 -0.86 -22.53
C LEU A 88 -5.00 0.45 -22.99
N GLU A 89 -3.67 0.43 -23.09
CA GLU A 89 -2.92 1.57 -23.60
C GLU A 89 -3.08 1.69 -25.12
N ASN A 90 -3.27 0.55 -25.77
CA ASN A 90 -3.41 0.51 -27.22
C ASN A 90 -4.83 0.79 -27.69
N ALA A 91 -5.73 1.03 -26.73
CA ALA A 91 -7.13 1.34 -27.03
C ALA A 91 -7.28 2.72 -27.64
N ASN A 92 -7.97 2.78 -28.79
CA ASN A 92 -8.08 4.02 -29.55
C ASN A 92 -9.53 4.49 -29.66
N TYR A 93 -9.75 5.79 -29.43
CA TYR A 93 -11.09 6.36 -29.45
C TYR A 93 -11.73 6.31 -30.84
N LYS A 94 -10.91 6.45 -31.88
CA LYS A 94 -11.40 6.51 -33.24
C LYS A 94 -11.89 5.15 -33.76
N ASP A 95 -11.65 4.10 -32.98
CA ASP A 95 -12.09 2.75 -33.35
C ASP A 95 -13.60 2.61 -33.38
N HIS A 96 -14.30 3.57 -32.77
CA HIS A 96 -15.76 3.59 -32.79
C HIS A 96 -16.30 4.82 -33.54
N GLU A 97 -15.58 5.26 -34.56
CA GLU A 97 -16.01 6.39 -35.37
C GLU A 97 -17.08 6.00 -36.38
N ASN A 98 -17.04 4.74 -36.82
CA ASN A 98 -18.01 4.22 -37.79
C ASN A 98 -19.30 3.73 -37.12
N GLY A 99 -19.40 3.94 -35.82
CA GLY A 99 -20.61 3.60 -35.06
C GLY A 99 -20.66 4.39 -33.77
N THR A 100 -21.48 5.43 -33.73
CA THR A 100 -21.33 6.50 -32.75
C THR A 100 -22.39 6.49 -31.66
N GLY A 101 -23.33 5.54 -31.74
CA GLY A 101 -24.39 5.42 -30.75
C GLY A 101 -23.91 4.82 -29.43
N THR A 102 -24.82 4.69 -28.48
CA THR A 102 -24.55 4.02 -27.21
C THR A 102 -25.42 2.77 -27.06
N ASN A 103 -24.82 1.61 -27.27
CA ASN A 103 -25.51 0.33 -27.14
C ASN A 103 -25.02 -0.44 -25.92
N THR A 104 -25.51 -0.06 -24.75
CA THR A 104 -25.06 -0.65 -23.49
C THR A 104 -25.53 -2.08 -23.32
N TYR A 105 -26.62 -2.45 -24.01
CA TYR A 105 -27.09 -3.82 -24.01
C TYR A 105 -26.10 -4.76 -24.69
N ALA A 106 -25.70 -4.41 -25.91
CA ALA A 106 -24.75 -5.22 -26.67
C ALA A 106 -23.42 -5.38 -25.93
N ALA A 107 -23.03 -4.36 -25.18
CA ALA A 107 -21.77 -4.37 -24.45
C ALA A 107 -21.84 -5.30 -23.23
N LEU A 108 -22.97 -5.27 -22.53
CA LEU A 108 -23.20 -6.18 -21.42
C LEU A 108 -23.40 -7.61 -21.93
N ASN A 109 -24.00 -7.73 -23.11
CA ASN A 109 -24.16 -9.02 -23.77
C ASN A 109 -22.83 -9.65 -24.13
N SER A 110 -21.87 -8.82 -24.54
CA SER A 110 -20.49 -9.26 -24.74
C SER A 110 -19.96 -10.01 -23.52
N VAL A 111 -20.10 -9.39 -22.35
CA VAL A 111 -19.69 -10.01 -21.09
C VAL A 111 -20.40 -11.34 -20.87
N TYR A 112 -21.70 -11.37 -21.19
CA TYR A 112 -22.48 -12.59 -21.09
C TYR A 112 -22.00 -13.66 -22.07
N LEU A 113 -21.68 -13.26 -23.29
CA LEU A 113 -21.11 -14.17 -24.29
C LEU A 113 -19.73 -14.66 -23.88
N MET A 114 -19.04 -13.86 -23.06
CA MET A 114 -17.73 -14.24 -22.54
C MET A 114 -17.89 -15.22 -21.38
N MET A 115 -18.90 -14.99 -20.55
CA MET A 115 -19.20 -15.88 -19.43
C MET A 115 -19.68 -17.24 -19.92
N ASN A 116 -20.53 -17.22 -20.93
CA ASN A 116 -21.03 -18.45 -21.56
C ASN A 116 -19.89 -19.28 -22.15
N ASN A 117 -18.94 -18.59 -22.77
CA ASN A 117 -17.75 -19.24 -23.32
C ASN A 117 -16.85 -19.84 -22.25
N GLN A 118 -16.71 -19.13 -21.13
CA GLN A 118 -15.85 -19.57 -20.04
C GLN A 118 -16.45 -20.74 -19.27
N MET A 119 -17.77 -20.80 -19.23
CA MET A 119 -18.47 -21.98 -18.73
C MET A 119 -18.00 -23.21 -19.51
N ARG A 120 -17.99 -23.09 -20.84
CA ARG A 120 -17.63 -24.20 -21.73
C ARG A 120 -16.20 -24.66 -21.50
N LEU A 121 -15.30 -23.70 -21.30
CA LEU A 121 -13.87 -23.99 -21.15
C LEU A 121 -13.61 -24.82 -19.90
N LEU A 122 -14.18 -24.39 -18.78
CA LEU A 122 -13.88 -24.97 -17.48
C LEU A 122 -14.84 -26.09 -17.11
N GLY A 123 -16.12 -25.90 -17.44
CA GLY A 123 -17.16 -26.84 -17.04
C GLY A 123 -18.21 -26.16 -16.18
N MET A 124 -19.47 -26.52 -16.38
CA MET A 124 -20.57 -25.95 -15.62
C MET A 124 -20.55 -26.43 -14.17
N GLU A 125 -20.44 -27.74 -14.00
CA GLU A 125 -20.52 -28.37 -12.67
C GLU A 125 -19.21 -28.26 -11.89
N THR A 126 -18.20 -27.63 -12.49
CA THR A 126 -16.86 -27.59 -11.90
C THR A 126 -16.67 -26.45 -10.90
N MET A 127 -15.91 -26.74 -9.85
CA MET A 127 -15.46 -25.73 -8.90
C MET A 127 -14.78 -24.57 -9.63
N ALA A 128 -14.06 -24.90 -10.70
CA ALA A 128 -13.28 -23.92 -11.46
C ALA A 128 -14.16 -22.80 -12.04
N TRP A 129 -15.44 -23.08 -12.23
CA TRP A 129 -16.38 -22.06 -12.70
C TRP A 129 -17.09 -21.34 -11.55
N GLN A 130 -17.69 -22.12 -10.66
CA GLN A 130 -18.64 -21.57 -9.68
C GLN A 130 -17.98 -20.74 -8.57
N GLU A 131 -16.65 -20.80 -8.50
CA GLU A 131 -15.92 -20.01 -7.52
C GLU A 131 -15.61 -18.60 -8.04
N ILE A 132 -15.82 -18.41 -9.34
CA ILE A 132 -15.54 -17.13 -9.97
C ILE A 132 -16.59 -16.08 -9.60
N ARG A 133 -16.13 -15.01 -8.96
CA ARG A 133 -16.97 -13.86 -8.67
C ARG A 133 -16.79 -12.82 -9.76
N HIS A 134 -17.88 -12.18 -10.16
CA HIS A 134 -17.89 -11.33 -11.35
C HIS A 134 -18.18 -9.87 -11.00
N ALA A 135 -17.33 -8.98 -11.50
CA ALA A 135 -17.54 -7.53 -11.33
C ALA A 135 -17.46 -6.80 -12.67
N ILE A 136 -18.55 -6.15 -13.05
CA ILE A 136 -18.62 -5.41 -14.31
C ILE A 136 -18.67 -3.91 -14.05
N ILE A 137 -17.66 -3.20 -14.54
CA ILE A 137 -17.58 -1.75 -14.35
C ILE A 137 -17.72 -1.01 -15.67
N LEU A 138 -18.73 -0.15 -15.74
CA LEU A 138 -18.99 0.63 -16.95
C LEU A 138 -18.53 2.07 -16.75
N LEU A 139 -17.48 2.46 -17.49
CA LEU A 139 -17.03 3.83 -17.50
C LEU A 139 -17.79 4.59 -18.58
N THR A 140 -18.93 5.15 -18.19
CA THR A 140 -19.89 5.69 -19.14
C THR A 140 -20.59 6.93 -18.57
N ASP A 141 -21.60 7.44 -19.28
CA ASP A 141 -22.48 8.46 -18.73
C ASP A 141 -23.95 8.05 -18.82
N GLY A 142 -24.20 6.94 -19.51
CA GLY A 142 -25.56 6.45 -19.72
C GLY A 142 -26.04 6.72 -21.13
N LYS A 143 -27.21 7.34 -21.24
CA LYS A 143 -27.75 7.81 -22.53
C LYS A 143 -27.82 6.70 -23.58
N SER A 144 -28.27 5.52 -23.16
CA SER A 144 -28.46 4.39 -24.07
C SER A 144 -29.49 4.71 -25.14
N ASN A 145 -29.21 4.28 -26.37
CA ASN A 145 -30.01 4.70 -27.52
C ASN A 145 -30.26 3.63 -28.57
N MET A 146 -29.60 2.47 -28.43
CA MET A 146 -29.86 1.33 -29.31
C MET A 146 -29.57 -0.01 -28.63
N GLY A 147 -30.09 -1.08 -29.23
CA GLY A 147 -29.85 -2.43 -28.73
C GLY A 147 -30.97 -2.95 -27.84
N GLY A 148 -31.86 -2.06 -27.41
CA GLY A 148 -32.91 -2.41 -26.47
C GLY A 148 -32.51 -2.14 -25.04
N SER A 149 -33.23 -2.76 -24.10
CA SER A 149 -33.00 -2.54 -22.69
C SER A 149 -31.79 -3.32 -22.18
N PRO A 150 -30.90 -2.63 -21.46
CA PRO A 150 -29.77 -3.27 -20.80
C PRO A 150 -30.20 -4.27 -19.72
N LYS A 151 -31.42 -4.13 -19.23
CA LYS A 151 -31.97 -5.03 -18.22
C LYS A 151 -31.98 -6.48 -18.71
N THR A 152 -32.30 -6.67 -19.98
CA THR A 152 -32.35 -7.99 -20.61
C THR A 152 -31.02 -8.73 -20.47
N ALA A 153 -29.92 -8.00 -20.62
CA ALA A 153 -28.58 -8.58 -20.52
C ALA A 153 -28.20 -8.85 -19.06
N VAL A 154 -28.56 -7.93 -18.17
CA VAL A 154 -28.30 -8.08 -16.75
C VAL A 154 -29.08 -9.26 -16.17
N ASP A 155 -30.31 -9.44 -16.62
CA ASP A 155 -31.11 -10.61 -16.27
C ASP A 155 -30.44 -11.90 -16.75
N HIS A 156 -29.86 -11.85 -17.94
CA HIS A 156 -29.24 -13.02 -18.55
C HIS A 156 -28.00 -13.45 -17.78
N ILE A 157 -27.20 -12.46 -17.38
CA ILE A 157 -26.02 -12.71 -16.56
C ILE A 157 -26.41 -13.29 -15.20
N ARG A 158 -27.47 -12.73 -14.59
CA ARG A 158 -28.01 -13.26 -13.34
C ARG A 158 -28.43 -14.72 -13.47
N GLU A 159 -28.95 -15.09 -14.63
CA GLU A 159 -29.47 -16.44 -14.85
C GLU A 159 -28.36 -17.46 -15.08
N ILE A 160 -27.30 -17.04 -15.76
CA ILE A 160 -26.17 -17.93 -16.04
C ILE A 160 -25.19 -18.02 -14.86
N LEU A 161 -25.38 -17.13 -13.88
CA LEU A 161 -24.54 -17.12 -12.67
C LEU A 161 -25.31 -17.56 -11.43
N ASN A 162 -26.60 -17.84 -11.60
CA ASN A 162 -27.49 -18.22 -10.50
C ASN A 162 -27.36 -17.29 -9.29
N ILE A 163 -27.86 -16.07 -9.42
CA ILE A 163 -27.74 -15.07 -8.37
C ILE A 163 -28.91 -15.13 -7.40
N ASN A 164 -28.60 -15.32 -6.11
CA ASN A 164 -29.61 -15.34 -5.06
C ASN A 164 -29.22 -14.41 -3.91
N GLN A 165 -30.10 -14.32 -2.91
CA GLN A 165 -29.80 -13.56 -1.68
C GLN A 165 -28.60 -14.17 -0.95
N LYS A 166 -28.38 -15.47 -1.19
CA LYS A 166 -27.21 -16.16 -0.64
C LYS A 166 -26.06 -16.20 -1.65
N ARG A 167 -26.26 -15.57 -2.80
CA ARG A 167 -25.25 -15.57 -3.86
C ARG A 167 -25.02 -14.20 -4.49
N ASN A 168 -25.45 -13.14 -3.80
CA ASN A 168 -25.21 -11.78 -4.26
C ASN A 168 -23.73 -11.43 -4.32
N ASP A 169 -22.92 -12.19 -3.58
CA ASP A 169 -21.47 -11.99 -3.54
C ASP A 169 -20.81 -12.28 -4.88
N TYR A 170 -21.55 -12.89 -5.80
CA TYR A 170 -21.00 -13.38 -7.06
C TYR A 170 -21.23 -12.45 -8.26
N LEU A 171 -21.99 -11.38 -8.05
CA LEU A 171 -22.24 -10.41 -9.11
C LEU A 171 -22.30 -8.98 -8.60
N ASP A 172 -21.52 -8.11 -9.23
CA ASP A 172 -21.50 -6.69 -8.90
C ASP A 172 -21.39 -5.90 -10.19
N ILE A 173 -22.35 -5.00 -10.42
CA ILE A 173 -22.30 -4.13 -11.58
C ILE A 173 -22.18 -2.67 -11.15
N TYR A 174 -21.13 -2.01 -11.62
CA TYR A 174 -20.91 -0.61 -11.33
C TYR A 174 -20.96 0.23 -12.60
N ALA A 175 -21.50 1.44 -12.49
CA ALA A 175 -21.47 2.38 -13.60
C ALA A 175 -20.91 3.71 -13.11
N ILE A 176 -19.74 4.08 -13.63
CA ILE A 176 -19.07 5.30 -13.19
C ILE A 176 -19.04 6.34 -14.30
N GLY A 177 -19.48 7.55 -13.97
CA GLY A 177 -19.31 8.70 -14.83
C GLY A 177 -18.09 9.52 -14.44
N VAL A 178 -17.20 9.75 -15.41
CA VAL A 178 -16.05 10.62 -15.20
C VAL A 178 -15.92 11.62 -16.34
N GLY A 179 -16.11 12.90 -16.02
CA GLY A 179 -16.03 13.97 -17.01
C GLY A 179 -17.30 14.11 -17.82
N VAL A 183 -24.17 13.65 -17.80
CA VAL A 183 -24.23 12.32 -17.21
C VAL A 183 -25.56 12.10 -16.48
N ASP A 184 -26.28 11.06 -16.90
CA ASP A 184 -27.60 10.76 -16.32
C ASP A 184 -27.45 10.03 -14.98
N TRP A 185 -28.08 10.60 -13.95
CA TRP A 185 -27.93 10.11 -12.58
C TRP A 185 -28.66 8.80 -12.33
N ARG A 186 -29.98 8.81 -12.56
CA ARG A 186 -30.83 7.68 -12.20
C ARG A 186 -30.81 6.56 -13.24
N GLU A 187 -30.29 6.85 -14.42
CA GLU A 187 -30.15 5.84 -15.47
C GLU A 187 -28.88 5.02 -15.28
N LEU A 188 -27.93 5.55 -14.50
CA LEU A 188 -26.75 4.80 -14.12
C LEU A 188 -27.06 3.81 -12.98
N ASN A 189 -28.00 4.20 -12.12
CA ASN A 189 -28.51 3.29 -11.09
C ASN A 189 -29.34 2.15 -11.68
N GLU A 190 -29.91 2.37 -12.86
CA GLU A 190 -30.56 1.33 -13.64
C GLU A 190 -29.56 0.25 -14.04
N LEU A 191 -28.43 0.67 -14.61
CA LEU A 191 -27.36 -0.24 -15.00
C LEU A 191 -26.74 -0.93 -13.79
N GLY A 192 -26.46 -0.15 -12.75
CA GLY A 192 -25.85 -0.68 -11.53
C GLY A 192 -26.85 -1.35 -10.62
N ARG A 199 -26.04 1.81 -3.57
CA ARG A 199 -25.60 2.67 -4.65
C ARG A 199 -24.44 2.06 -5.42
N HIS A 200 -24.69 1.67 -6.66
CA HIS A 200 -23.64 1.20 -7.56
C HIS A 200 -23.50 2.11 -8.77
N ALA A 201 -23.69 3.40 -8.56
CA ALA A 201 -23.57 4.40 -9.63
C ALA A 201 -22.94 5.68 -9.10
N PHE A 202 -21.89 6.14 -9.77
CA PHE A 202 -21.10 7.27 -9.29
C PHE A 202 -20.85 8.32 -10.38
N ILE A 203 -20.92 9.59 -9.99
CA ILE A 203 -20.55 10.69 -10.86
C ILE A 203 -19.30 11.37 -10.33
N LEU A 204 -18.23 11.35 -11.14
CA LEU A 204 -16.92 11.82 -10.69
C LEU A 204 -16.22 12.70 -11.72
N GLN A 205 -15.39 13.62 -11.23
CA GLN A 205 -14.66 14.53 -12.11
C GLN A 205 -13.22 14.06 -12.35
N ASP A 206 -12.39 14.12 -11.31
CA ASP A 206 -10.98 13.78 -11.42
C ASP A 206 -10.77 12.27 -11.51
N THR A 207 -9.60 11.87 -12.02
CA THR A 207 -9.15 10.48 -11.92
C THR A 207 -8.73 10.16 -10.49
N LYS A 208 -8.11 11.13 -9.83
CA LYS A 208 -7.76 11.02 -8.42
C LYS A 208 -9.03 10.90 -7.56
N ALA A 209 -10.14 11.43 -8.08
CA ALA A 209 -11.43 11.27 -7.43
C ALA A 209 -11.94 9.84 -7.53
N LEU A 210 -11.69 9.20 -8.67
CA LEU A 210 -12.08 7.82 -8.90
C LEU A 210 -11.18 6.86 -8.10
N HIS A 211 -9.91 7.24 -7.99
CA HIS A 211 -8.96 6.50 -7.17
C HIS A 211 -9.48 6.34 -5.74
N GLN A 212 -10.08 7.40 -5.22
CA GLN A 212 -10.72 7.38 -3.90
C GLN A 212 -11.89 6.41 -3.89
N VAL A 213 -12.81 6.59 -4.84
CA VAL A 213 -14.07 5.84 -4.85
C VAL A 213 -13.86 4.35 -5.13
N PHE A 214 -12.87 4.03 -5.96
CA PHE A 214 -12.53 2.63 -6.21
C PHE A 214 -12.05 1.92 -4.94
N GLU A 215 -11.44 2.68 -4.03
CA GLU A 215 -11.06 2.17 -2.72
C GLU A 215 -12.29 1.72 -1.94
N HIS A 216 -13.37 2.47 -2.07
CA HIS A 216 -14.62 2.18 -1.37
C HIS A 216 -15.43 1.08 -2.03
N MET A 217 -15.08 0.74 -3.26
CA MET A 217 -15.76 -0.33 -3.99
C MET A 217 -15.23 -1.71 -3.61
N LEU A 218 -14.19 -1.75 -2.79
CA LEU A 218 -13.49 -2.99 -2.48
C LEU A 218 -13.69 -3.43 -1.05
N ASP A 219 -13.94 -4.74 -0.87
CA ASP A 219 -14.14 -5.33 0.44
C ASP A 219 -12.97 -6.24 0.79
N VAL A 220 -12.24 -5.88 1.84
CA VAL A 220 -10.99 -6.56 2.18
C VAL A 220 -11.09 -7.28 3.53
N SER A 221 -12.16 -7.00 4.27
CA SER A 221 -12.36 -7.54 5.61
C SER A 221 -12.20 -9.06 5.68
N LYS A 222 -12.48 -9.74 4.57
CA LYS A 222 -12.36 -11.19 4.51
C LYS A 222 -10.99 -11.65 4.01
N LEU A 223 -10.00 -10.78 4.15
CA LEU A 223 -8.62 -11.11 3.84
C LEU A 223 -7.79 -11.23 5.13
N THR A 224 -8.11 -12.26 5.92
CA THR A 224 -7.40 -12.49 7.19
C THR A 224 -5.98 -12.99 6.96
N ASP A 225 -5.57 -12.97 5.69
CA ASP A 225 -4.24 -13.41 5.27
C ASP A 225 -3.15 -12.55 5.89
N THR A 226 -1.93 -13.10 5.93
CA THR A 226 -0.79 -12.42 6.53
C THR A 226 0.01 -11.60 5.52
N ILE A 227 -0.63 -11.20 4.42
CA ILE A 227 -0.01 -10.40 3.37
C ILE A 227 0.51 -9.06 3.89
N CYS A 228 1.65 -8.62 3.34
CA CYS A 228 2.34 -7.44 3.83
C CYS A 228 2.13 -6.22 2.94
N GLY A 229 2.26 -5.03 3.53
CA GLY A 229 2.32 -3.78 2.79
C GLY A 229 1.04 -3.41 2.08
N VAL A 230 -0.09 -3.83 2.66
CA VAL A 230 -1.40 -3.50 2.11
C VAL A 230 -2.07 -2.46 2.99
N GLY A 231 -2.52 -1.36 2.38
CA GLY A 231 -3.20 -0.30 3.11
C GLY A 231 -4.39 0.26 2.34
N ASN A 232 -5.07 1.23 2.95
CA ASN A 232 -6.17 1.94 2.30
C ASN A 232 -5.68 3.23 1.67
N MET A 233 -6.01 3.45 0.40
CA MET A 233 -5.39 4.50 -0.38
C MET A 233 -6.18 5.80 -0.35
N SER A 234 -7.33 5.80 0.30
CA SER A 234 -8.22 6.95 0.28
C SER A 234 -8.29 7.66 1.63
N ALA A 235 -8.50 8.98 1.58
CA ALA A 235 -9.01 9.72 2.72
C ALA A 235 -10.45 9.26 3.02
N ASN A 236 -11.03 9.78 4.10
CA ASN A 236 -12.27 9.22 4.65
C ASN A 236 -12.03 7.89 5.35
N ALA A 237 -10.91 7.25 5.03
CA ALA A 237 -10.43 6.12 5.80
C ALA A 237 -9.59 6.62 6.98
N SER A 238 -9.65 5.91 8.10
CA SER A 238 -8.90 6.27 9.28
C SER A 238 -7.40 6.20 9.02
N ASP A 239 -6.63 6.95 9.80
CA ASP A 239 -5.18 6.93 9.74
C ASP A 239 -4.63 5.51 9.93
N GLN A 240 -5.25 4.77 10.85
CA GLN A 240 -4.84 3.42 11.15
C GLN A 240 -5.03 2.49 9.95
N GLU A 241 -6.05 2.76 9.16
CA GLU A 241 -6.32 1.96 7.96
C GLU A 241 -5.32 2.23 6.84
N ARG A 242 -4.81 3.46 6.77
CA ARG A 242 -3.82 3.83 5.77
C ARG A 242 -2.44 3.28 6.12
N THR A 243 -2.15 3.23 7.42
CA THR A 243 -0.87 2.74 7.92
C THR A 243 -1.08 1.64 8.97
N PRO A 244 -1.57 0.48 8.53
CA PRO A 244 -2.05 -0.55 9.45
C PRO A 244 -0.96 -1.34 10.17
N TRP A 245 0.29 -1.10 9.79
CA TRP A 245 1.44 -1.73 10.44
C TRP A 245 1.90 -0.95 11.67
N HIS A 246 1.44 0.31 11.74
CA HIS A 246 1.91 1.24 12.76
C HIS A 246 1.43 0.82 14.14
N VAL A 247 2.36 0.71 15.07
CA VAL A 247 2.05 0.40 16.46
C VAL A 247 2.63 1.45 17.40
N THR A 248 2.02 1.59 18.58
CA THR A 248 2.55 2.47 19.61
C THR A 248 3.14 1.62 20.74
N ILE A 249 4.34 2.00 21.18
CA ILE A 249 5.07 1.24 22.19
C ILE A 249 5.16 2.02 23.49
N LYS A 250 4.92 1.34 24.61
CA LYS A 250 5.15 1.90 25.93
C LYS A 250 6.12 1.01 26.71
N PRO A 251 7.28 1.57 27.07
CA PRO A 251 8.23 0.88 27.94
C PRO A 251 7.99 1.22 29.41
N LYS A 252 8.89 0.75 30.27
CA LYS A 252 8.91 1.16 31.68
C LYS A 252 9.49 2.56 31.81
N SER A 253 8.72 3.56 31.38
CA SER A 253 9.26 4.89 31.18
C SER A 253 8.21 5.99 31.10
N GLN A 254 7.04 5.65 30.54
CA GLN A 254 6.06 6.65 30.11
C GLN A 254 6.45 7.30 28.78
N GLU A 255 7.76 7.34 28.52
CA GLU A 255 8.30 7.76 27.24
C GLU A 255 7.70 6.94 26.09
N THR A 256 6.88 7.57 25.27
CA THR A 256 6.22 6.88 24.16
C THR A 256 7.19 6.57 23.02
N CYS A 257 6.91 5.50 22.30
CA CYS A 257 7.67 5.16 21.10
C CYS A 257 6.76 4.55 20.05
N ARG A 258 7.26 4.46 18.82
CA ARG A 258 6.52 3.82 17.74
C ARG A 258 7.26 2.61 17.18
N GLY A 259 6.58 1.85 16.33
CA GLY A 259 7.16 0.66 15.74
C GLY A 259 6.33 0.17 14.58
N ALA A 260 6.70 -0.99 14.02
CA ALA A 260 5.99 -1.53 12.88
C ALA A 260 5.81 -3.04 12.99
N LEU A 261 4.59 -3.50 12.72
CA LEU A 261 4.35 -4.93 12.52
C LEU A 261 5.11 -5.40 11.29
N ILE A 262 5.91 -6.45 11.45
CA ILE A 262 6.54 -7.10 10.30
C ILE A 262 6.03 -8.53 10.10
N SER A 263 5.23 -9.00 11.05
CA SER A 263 4.44 -10.22 10.88
C SER A 263 3.24 -10.20 11.84
N ASP A 264 2.67 -11.37 12.12
CA ASP A 264 1.48 -11.45 12.96
C ASP A 264 1.75 -11.30 14.46
N GLN A 265 3.01 -11.48 14.87
CA GLN A 265 3.36 -11.20 16.27
C GLN A 265 4.78 -10.68 16.50
N TRP A 266 5.38 -10.06 15.49
CA TRP A 266 6.67 -9.43 15.63
C TRP A 266 6.60 -7.96 15.25
N VAL A 267 7.16 -7.09 16.09
CA VAL A 267 7.22 -5.66 15.78
C VAL A 267 8.64 -5.14 15.80
N LEU A 268 8.98 -4.35 14.78
CA LEU A 268 10.31 -3.75 14.66
C LEU A 268 10.30 -2.34 15.24
N THR A 269 11.24 -2.05 16.12
CA THR A 269 11.34 -0.73 16.74
C THR A 269 12.78 -0.32 17.02
N ALA A 270 12.96 0.82 17.68
CA ALA A 270 14.28 1.33 18.04
C ALA A 270 14.71 0.87 19.43
N ALA A 271 15.97 0.48 19.56
CA ALA A 271 16.51 -0.02 20.83
C ALA A 271 16.59 1.07 21.90
N HIS A 272 16.77 2.32 21.48
CA HIS A 272 16.90 3.44 22.41
C HIS A 272 15.58 3.73 23.13
N CYS A 273 14.55 2.97 22.79
CA CYS A 273 13.24 3.13 23.43
C CYS A 273 13.18 2.46 24.79
N PHE A 274 14.13 1.56 25.05
CA PHE A 274 14.08 0.74 26.25
C PHE A 274 15.26 1.02 27.18
N ARG A 275 15.49 2.31 27.41
CA ARG A 275 16.60 2.77 28.22
C ARG A 275 16.22 2.82 29.70
N ASP A 276 15.82 1.68 30.25
CA ASP A 276 15.44 1.59 31.66
C ASP A 276 15.47 0.15 32.17
N GLY A 277 16.01 -0.75 31.35
CA GLY A 277 16.03 -2.17 31.66
C GLY A 277 15.40 -3.00 30.56
N ASN A 278 15.75 -4.27 30.50
CA ASN A 278 15.28 -5.17 29.44
C ASN A 278 14.09 -6.03 29.86
N ASP A 279 13.62 -5.82 31.09
CA ASP A 279 12.43 -6.50 31.60
C ASP A 279 11.18 -6.05 30.84
N HIS A 280 10.71 -6.91 29.94
CA HIS A 280 9.66 -6.54 28.99
C HIS A 280 8.25 -6.67 29.56
N SER A 281 8.13 -7.30 30.72
CA SER A 281 6.82 -7.57 31.31
C SER A 281 6.10 -6.32 31.77
N LEU A 282 6.72 -5.17 31.55
CA LEU A 282 6.12 -3.88 31.86
C LEU A 282 5.89 -3.04 30.60
N TRP A 283 6.25 -3.59 29.44
CA TRP A 283 6.05 -2.91 28.17
C TRP A 283 4.70 -3.29 27.53
N ARG A 284 4.11 -2.33 26.83
CA ARG A 284 2.87 -2.56 26.09
C ARG A 284 3.05 -2.21 24.62
N VAL A 285 2.42 -3.00 23.75
CA VAL A 285 2.33 -2.67 22.34
C VAL A 285 0.88 -2.40 21.98
N ASN A 286 0.64 -1.27 21.31
CA ASN A 286 -0.71 -0.86 20.94
C ASN A 286 -0.95 -1.03 19.45
N VAL A 287 -1.83 -1.97 19.10
CA VAL A 287 -2.10 -2.31 17.71
C VAL A 287 -3.46 -1.77 17.29
N GLY A 288 -3.63 -1.49 16.00
CA GLY A 288 -4.91 -1.04 15.48
C GLY A 288 -5.97 -2.12 15.55
N ASP A 289 -7.22 -1.72 15.77
CA ASP A 289 -8.33 -2.64 15.89
C ASP A 289 -9.56 -2.10 15.14
N PRO A 290 -10.27 -2.97 14.45
CA PRO A 290 -11.44 -2.57 13.67
C PRO A 290 -12.64 -2.17 14.53
N LYS A 291 -12.74 -2.76 15.73
CA LYS A 291 -13.85 -2.46 16.64
C LYS A 291 -13.49 -1.33 17.60
N SER A 292 -12.30 -1.42 18.19
CA SER A 292 -11.85 -0.45 19.18
C SER A 292 -11.53 0.90 18.58
N GLN A 293 -11.73 1.95 19.39
CA GLN A 293 -11.26 3.27 19.05
C GLN A 293 -9.77 3.40 19.40
N TRP A 294 -9.37 2.77 20.50
CA TRP A 294 -8.03 2.94 21.04
C TRP A 294 -7.06 1.86 20.56
N GLY A 295 -7.60 0.84 19.89
CA GLY A 295 -6.80 -0.28 19.41
C GLY A 295 -6.53 -1.32 20.49
N LYS A 296 -6.29 -2.57 20.06
CA LYS A 296 -5.94 -3.64 20.98
C LYS A 296 -4.52 -3.45 21.53
N GLU A 297 -4.37 -3.60 22.83
CA GLU A 297 -3.03 -3.56 23.43
C GLU A 297 -2.50 -4.96 23.76
N PHE A 298 -1.23 -5.17 23.44
CA PHE A 298 -0.61 -6.49 23.54
C PHE A 298 0.54 -6.47 24.55
N LEU A 299 0.73 -7.58 25.25
CA LEU A 299 1.90 -7.77 26.09
C LEU A 299 2.99 -8.47 25.29
N ILE A 300 4.22 -8.47 25.83
CA ILE A 300 5.36 -9.02 25.12
C ILE A 300 5.81 -10.35 25.71
N GLU A 301 6.01 -11.33 24.83
CA GLU A 301 6.51 -12.65 25.24
C GLU A 301 8.01 -12.63 25.44
N LYS A 302 8.73 -12.01 24.51
CA LYS A 302 10.18 -11.83 24.62
C LYS A 302 10.66 -10.68 23.76
N ALA A 303 11.79 -10.10 24.14
CA ALA A 303 12.40 -9.00 23.38
C ALA A 303 13.75 -9.42 22.83
N VAL A 304 14.10 -8.86 21.67
CA VAL A 304 15.44 -9.00 21.12
C VAL A 304 16.01 -7.61 20.81
N ILE A 305 16.74 -7.05 21.76
CA ILE A 305 17.46 -5.81 21.54
C ILE A 305 18.85 -6.12 20.99
N SER A 306 19.25 -5.44 19.92
CA SER A 306 20.59 -5.57 19.36
C SER A 306 21.64 -5.55 20.47
N PRO A 307 22.58 -6.50 20.42
CA PRO A 307 23.65 -6.56 21.41
C PRO A 307 24.63 -5.40 21.25
N GLY A 308 24.64 -4.77 20.08
CA GLY A 308 25.63 -3.75 19.75
C GLY A 308 25.25 -2.34 20.16
N PHE A 309 23.99 -2.14 20.52
CA PHE A 309 23.51 -0.81 20.91
C PHE A 309 24.04 -0.40 22.28
N ASP A 310 24.49 0.85 22.37
CA ASP A 310 25.06 1.40 23.61
C ASP A 310 25.23 2.91 23.46
N VAL A 311 24.24 3.66 23.97
CA VAL A 311 24.23 5.11 23.83
C VAL A 311 25.55 5.75 24.27
N PHE A 312 26.08 5.32 25.41
CA PHE A 312 27.28 5.95 25.99
C PHE A 312 28.56 5.19 25.65
N ALA A 313 28.52 4.42 24.56
CA ALA A 313 29.67 3.65 24.10
C ALA A 313 30.82 4.53 23.65
N LYS A 314 30.49 5.71 23.13
CA LYS A 314 31.49 6.66 22.67
C LYS A 314 31.68 7.82 23.63
N LYS A 315 31.30 7.61 24.89
CA LYS A 315 31.31 8.67 25.89
C LYS A 315 32.71 9.24 26.13
N ASN A 316 33.70 8.35 26.18
CA ASN A 316 35.09 8.75 26.44
C ASN A 316 35.70 9.56 25.30
N GLN A 317 35.18 9.34 24.09
CA GLN A 317 35.64 10.08 22.92
C GLN A 317 35.02 11.48 22.86
N GLY A 318 34.08 11.75 23.77
CA GLY A 318 33.38 13.03 23.82
C GLY A 318 31.92 12.90 23.43
N ILE A 319 31.62 11.91 22.60
CA ILE A 319 30.26 11.69 22.09
C ILE A 319 29.32 11.21 23.20
N LEU A 320 28.37 12.05 23.56
CA LEU A 320 27.43 11.73 24.64
C LEU A 320 26.36 10.72 24.22
N GLU A 321 25.89 10.81 22.98
CA GLU A 321 24.86 9.90 22.48
C GLU A 321 25.27 9.28 21.14
N PHE A 322 25.40 7.96 21.12
CA PHE A 322 25.74 7.22 19.90
C PHE A 322 24.73 6.12 19.61
N TYR A 323 24.15 6.15 18.42
CA TYR A 323 22.96 5.35 18.11
C TYR A 323 23.23 4.19 17.15
N GLY A 324 24.47 3.70 17.14
CA GLY A 324 24.80 2.50 16.36
C GLY A 324 24.00 1.30 16.80
N ASP A 325 23.60 0.47 15.84
CA ASP A 325 22.81 -0.74 16.11
C ASP A 325 21.53 -0.46 16.90
N ASP A 326 20.90 0.69 16.61
CA ASP A 326 19.69 1.10 17.30
C ASP A 326 18.48 0.38 16.72
N ILE A 327 18.31 -0.89 17.09
CA ILE A 327 17.25 -1.74 16.53
C ILE A 327 16.84 -2.82 17.53
N ALA A 328 15.56 -3.16 17.54
CA ALA A 328 15.00 -4.08 18.51
C ALA A 328 13.77 -4.81 17.94
N LEU A 329 13.58 -6.05 18.38
CA LEU A 329 12.43 -6.85 17.94
C LEU A 329 11.64 -7.36 19.13
N LEU A 330 10.32 -7.13 19.10
CA LEU A 330 9.45 -7.59 20.18
C LEU A 330 8.51 -8.69 19.69
N LYS A 331 8.52 -9.83 20.38
CA LYS A 331 7.54 -10.87 20.13
C LYS A 331 6.34 -10.70 21.05
N LEU A 332 5.17 -10.54 20.47
CA LEU A 332 3.94 -10.36 21.23
C LEU A 332 3.49 -11.68 21.86
N ALA A 333 2.69 -11.58 22.92
CA ALA A 333 2.27 -12.76 23.66
C ALA A 333 1.16 -13.52 22.95
N GLN A 334 0.49 -12.83 22.02
CA GLN A 334 -0.60 -13.42 21.24
C GLN A 334 -0.50 -12.95 19.79
N LYS A 335 -1.01 -13.77 18.88
CA LYS A 335 -1.08 -13.40 17.46
C LYS A 335 -1.98 -12.19 17.26
N VAL A 336 -1.59 -11.32 16.32
CA VAL A 336 -2.45 -10.23 15.88
C VAL A 336 -3.38 -10.71 14.76
N LYS A 337 -4.67 -10.47 14.95
CA LYS A 337 -5.66 -10.68 13.89
C LYS A 337 -5.42 -9.70 12.76
N MET A 338 -5.04 -10.22 11.59
CA MET A 338 -4.91 -9.40 10.40
C MET A 338 -6.28 -8.85 10.01
N SER A 339 -6.34 -7.55 9.77
CA SER A 339 -7.60 -6.88 9.45
C SER A 339 -7.34 -5.62 8.65
N THR A 340 -8.40 -4.83 8.45
CA THR A 340 -8.29 -3.54 7.78
C THR A 340 -7.47 -2.55 8.60
N HIS A 341 -7.23 -2.89 9.87
CA HIS A 341 -6.58 -1.96 10.79
C HIS A 341 -5.20 -2.43 11.24
N ALA A 342 -4.92 -3.72 11.04
CA ALA A 342 -3.67 -4.31 11.53
C ALA A 342 -3.09 -5.33 10.55
N ARG A 343 -2.11 -4.90 9.76
CA ARG A 343 -1.38 -5.80 8.86
C ARG A 343 0.11 -5.52 8.99
N PRO A 344 0.95 -6.51 8.68
CA PRO A 344 2.39 -6.31 8.64
C PRO A 344 2.80 -5.45 7.44
N ILE A 345 3.89 -4.72 7.58
CA ILE A 345 4.50 -4.01 6.46
C ILE A 345 5.49 -4.93 5.77
N CYS A 346 5.67 -4.75 4.47
CA CYS A 346 6.68 -5.50 3.73
C CYS A 346 8.08 -5.10 4.17
N LEU A 347 8.86 -6.09 4.57
CA LEU A 347 10.28 -5.91 4.84
C LEU A 347 11.06 -6.35 3.61
N PRO A 348 11.95 -5.49 3.12
CA PRO A 348 12.71 -5.78 1.90
C PRO A 348 13.64 -6.98 2.06
N CYS A 349 13.98 -7.61 0.95
CA CYS A 349 14.87 -8.77 0.94
C CYS A 349 14.20 -10.04 1.45
N THR A 350 12.86 -10.03 1.44
CA THR A 350 12.07 -11.23 1.73
C THR A 350 11.31 -11.66 0.49
N MET A 351 10.88 -12.92 0.48
CA MET A 351 9.98 -13.40 -0.57
C MET A 351 8.64 -12.68 -0.50
N GLU A 352 8.26 -12.28 0.70
CA GLU A 352 7.04 -11.50 0.91
C GLU A 352 7.11 -10.20 0.13
N ALA A 353 8.18 -9.44 0.33
CA ALA A 353 8.38 -8.16 -0.34
C ALA A 353 8.62 -8.35 -1.83
N ASN A 354 9.16 -9.51 -2.20
CA ASN A 354 9.46 -9.83 -3.59
C ASN A 354 8.21 -9.95 -4.44
N LEU A 355 7.25 -10.73 -3.96
CA LEU A 355 5.97 -10.89 -4.64
C LEU A 355 5.21 -9.57 -4.69
N ALA A 356 5.33 -8.77 -3.62
CA ALA A 356 4.75 -7.44 -3.58
C ALA A 356 5.32 -6.52 -4.66
N LEU A 357 6.59 -6.73 -5.01
CA LEU A 357 7.24 -5.91 -6.02
C LEU A 357 7.06 -6.47 -7.42
N ARG A 358 6.31 -7.58 -7.51
CA ARG A 358 6.12 -8.32 -8.76
C ARG A 358 7.45 -8.69 -9.43
N ARG A 359 8.46 -8.93 -8.60
CA ARG A 359 9.80 -9.27 -9.06
C ARG A 359 9.87 -10.72 -9.54
N PRO A 360 10.93 -11.08 -10.25
CA PRO A 360 11.20 -12.47 -10.59
C PRO A 360 11.71 -13.25 -9.37
N GLN A 361 11.73 -14.57 -9.47
CA GLN A 361 12.00 -15.43 -8.32
C GLN A 361 13.47 -15.39 -7.88
N GLY A 362 14.38 -15.20 -8.83
CA GLY A 362 15.81 -15.19 -8.52
C GLY A 362 16.34 -13.84 -8.08
N SER A 363 15.58 -13.14 -7.24
CA SER A 363 15.96 -11.81 -6.78
C SER A 363 16.77 -11.87 -5.49
N THR A 364 17.75 -10.98 -5.36
CA THR A 364 18.57 -10.90 -4.15
C THR A 364 18.27 -9.63 -3.37
N CYS A 365 18.75 -9.58 -2.13
CA CYS A 365 18.62 -8.38 -1.30
C CYS A 365 19.25 -7.16 -1.96
N ARG A 366 20.32 -7.39 -2.72
CA ARG A 366 20.98 -6.33 -3.48
C ARG A 366 20.05 -5.77 -4.56
N ASP A 367 19.34 -6.67 -5.24
CA ASP A 367 18.33 -6.29 -6.22
C ASP A 367 17.26 -5.38 -5.61
N HIS A 368 16.79 -5.74 -4.42
CA HIS A 368 15.75 -5.00 -3.72
C HIS A 368 16.19 -3.59 -3.34
N GLU A 369 17.42 -3.46 -2.84
CA GLU A 369 17.99 -2.16 -2.47
C GLU A 369 18.04 -1.21 -3.67
N ASN A 370 18.49 -1.73 -4.81
CA ASN A 370 18.58 -0.95 -6.04
C ASN A 370 17.23 -0.53 -6.60
N GLU A 371 16.23 -1.39 -6.42
CA GLU A 371 14.89 -1.11 -6.89
C GLU A 371 14.23 -0.03 -6.04
N LEU A 372 14.28 -0.22 -4.73
CA LEU A 372 13.55 0.64 -3.79
C LEU A 372 14.26 1.96 -3.58
N LEU A 373 15.54 1.90 -3.24
CA LEU A 373 16.37 3.11 -3.17
C LEU A 373 17.12 3.30 -4.48
N ASN A 374 16.50 4.03 -5.41
CA ASN A 374 16.95 4.10 -6.79
C ASN A 374 17.53 5.45 -7.21
N LYS A 375 17.04 6.52 -6.61
CA LYS A 375 17.52 7.87 -6.90
C LYS A 375 18.52 8.32 -5.82
N GLN A 376 19.13 9.48 -6.04
CA GLN A 376 19.97 10.11 -5.02
C GLN A 376 19.15 10.87 -3.99
N SER A 377 17.94 11.27 -4.35
CA SER A 377 16.97 11.76 -3.38
C SER A 377 15.64 11.02 -3.55
N VAL A 378 15.32 10.18 -2.58
CA VAL A 378 14.15 9.31 -2.65
C VAL A 378 13.10 9.79 -1.66
N PRO A 379 11.90 10.10 -2.16
CA PRO A 379 10.78 10.43 -1.29
C PRO A 379 10.28 9.24 -0.48
N ALA A 380 10.43 9.31 0.84
CA ALA A 380 9.87 8.32 1.74
C ALA A 380 8.84 8.95 2.68
N HIS A 381 8.43 8.20 3.70
CA HIS A 381 7.48 8.71 4.69
C HIS A 381 7.83 8.24 6.09
N PHE A 382 7.19 8.86 7.08
CA PHE A 382 7.05 8.30 8.42
C PHE A 382 5.76 8.84 9.04
N VAL A 383 5.25 8.16 10.06
CA VAL A 383 3.98 8.52 10.67
C VAL A 383 4.16 9.35 11.94
N ALA A 384 3.35 10.39 12.10
CA ALA A 384 3.45 11.32 13.21
C ALA A 384 2.71 10.81 14.44
N LEU A 385 2.91 11.48 15.58
CA LEU A 385 2.09 11.25 16.76
C LEU A 385 0.62 11.47 16.39
N ASN A 386 0.38 12.53 15.63
CA ASN A 386 -0.90 12.78 14.97
C ASN A 386 -1.51 11.51 14.37
N GLY A 387 -0.65 10.63 13.85
CA GLY A 387 -1.11 9.44 13.14
C GLY A 387 -1.07 9.61 11.63
N SER A 388 -1.05 10.86 11.17
CA SER A 388 -1.08 11.16 9.74
C SER A 388 0.29 11.00 9.09
N LYS A 389 0.29 10.82 7.77
CA LYS A 389 1.50 10.47 7.03
C LYS A 389 2.31 11.71 6.68
N LEU A 390 3.61 11.66 6.97
CA LEU A 390 4.50 12.78 6.71
C LEU A 390 5.54 12.46 5.63
N ASN A 391 6.05 13.49 4.97
CA ASN A 391 6.95 13.32 3.83
C ASN A 391 8.41 13.68 4.12
N ILE A 392 9.33 12.82 3.65
CA ILE A 392 10.77 13.05 3.80
C ILE A 392 11.52 12.64 2.53
N ASN A 393 12.74 13.16 2.38
CA ASN A 393 13.61 12.79 1.27
C ASN A 393 14.90 12.13 1.71
N LEU A 394 14.99 10.81 1.55
CA LEU A 394 16.21 10.07 1.81
C LEU A 394 17.31 10.45 0.82
N LYS A 395 18.47 10.83 1.34
CA LYS A 395 19.57 11.26 0.50
C LYS A 395 20.63 10.17 0.33
N MET A 396 20.77 9.68 -0.89
CA MET A 396 21.67 8.57 -1.20
C MET A 396 22.90 9.04 -1.96
N GLY A 397 23.79 8.11 -2.26
CA GLY A 397 24.97 8.38 -3.09
C GLY A 397 25.76 9.58 -2.62
N VAL A 398 26.03 10.51 -3.53
CA VAL A 398 26.87 11.66 -3.24
C VAL A 398 26.14 12.69 -2.38
N GLU A 399 24.81 12.64 -2.43
CA GLU A 399 23.99 13.56 -1.64
C GLU A 399 24.00 13.19 -0.16
N TRP A 400 24.29 11.93 0.12
CA TRP A 400 24.30 11.43 1.50
C TRP A 400 25.34 12.13 2.36
N THR A 401 26.54 12.32 1.80
CA THR A 401 27.66 12.86 2.55
C THR A 401 27.42 14.32 2.94
N SER A 402 26.91 15.11 2.00
CA SER A 402 26.57 16.50 2.25
C SER A 402 25.33 16.62 3.13
N CYS A 403 24.53 15.55 3.15
CA CYS A 403 23.41 15.43 4.08
C CYS A 403 23.93 15.12 5.49
N ALA A 404 24.88 14.20 5.57
CA ALA A 404 25.43 13.76 6.85
C ALA A 404 26.41 14.77 7.47
N GLU A 405 27.15 15.49 6.62
CA GLU A 405 28.23 16.38 7.06
C GLU A 405 27.75 17.44 8.04
N VAL A 406 26.47 17.81 7.93
CA VAL A 406 25.90 18.91 8.70
C VAL A 406 25.90 18.63 10.20
N VAL A 407 26.06 17.35 10.56
CA VAL A 407 26.16 16.94 11.96
C VAL A 407 27.39 17.56 12.65
N SER A 408 28.28 18.12 11.85
CA SER A 408 29.53 18.68 12.36
C SER A 408 29.33 20.01 13.07
N GLN A 409 28.11 20.52 13.03
CA GLN A 409 27.79 21.82 13.63
C GLN A 409 27.18 21.69 15.02
N GLU A 410 26.61 20.51 15.31
CA GLU A 410 26.06 20.23 16.62
C GLU A 410 27.17 19.99 17.65
N LYS A 411 27.17 20.81 18.70
CA LYS A 411 28.17 20.68 19.76
C LYS A 411 27.55 20.55 21.14
N THR A 412 26.22 20.39 21.15
CA THR A 412 25.50 19.99 22.36
C THR A 412 25.60 18.48 22.55
N MET A 413 25.65 17.77 21.44
CA MET A 413 25.77 16.30 21.47
C MET A 413 27.22 15.86 21.26
N PHE A 414 27.93 16.57 20.39
CA PHE A 414 29.29 16.18 20.01
C PHE A 414 30.28 17.33 20.15
N PRO A 415 30.95 17.40 21.30
CA PRO A 415 31.87 18.51 21.60
C PRO A 415 33.19 18.39 20.83
N ASN A 416 33.91 17.29 21.04
CA ASN A 416 35.20 17.08 20.42
C ASN A 416 35.10 16.23 19.14
N LEU A 417 34.14 16.56 18.29
CA LEU A 417 33.94 15.85 17.04
C LEU A 417 34.77 16.46 15.91
N THR A 418 35.61 15.64 15.30
CA THR A 418 36.34 16.03 14.09
C THR A 418 35.91 15.13 12.92
N ASP A 419 35.66 13.87 13.22
CA ASP A 419 35.26 12.91 12.20
C ASP A 419 33.75 12.61 12.26
N VAL A 420 33.04 13.00 11.21
CA VAL A 420 31.60 12.82 11.13
C VAL A 420 31.24 11.34 11.09
N ARG A 421 32.11 10.53 10.48
CA ARG A 421 31.86 9.10 10.30
C ARG A 421 31.74 8.37 11.64
N GLU A 422 32.16 9.03 12.72
CA GLU A 422 32.11 8.42 14.05
C GLU A 422 30.69 8.32 14.59
N VAL A 423 29.87 9.34 14.28
CA VAL A 423 28.49 9.36 14.77
C VAL A 423 27.49 8.91 13.71
N VAL A 424 27.74 9.28 12.47
CA VAL A 424 26.87 8.90 11.35
C VAL A 424 27.63 7.98 10.38
N THR A 425 27.19 6.73 10.30
CA THR A 425 27.76 5.77 9.36
C THR A 425 26.75 5.40 8.29
N ASP A 426 27.22 4.67 7.27
CA ASP A 426 26.33 4.18 6.20
C ASP A 426 25.23 3.27 6.73
N GLN A 427 25.32 2.92 8.02
CA GLN A 427 24.28 2.18 8.72
C GLN A 427 23.01 3.03 8.86
N PHE A 428 23.15 4.34 8.69
CA PHE A 428 22.02 5.26 8.78
C PHE A 428 21.60 5.81 7.41
N LEU A 429 20.29 5.90 7.19
CA LEU A 429 19.74 6.72 6.11
C LEU A 429 19.67 8.17 6.56
N CYS A 430 19.73 9.09 5.61
CA CYS A 430 19.70 10.53 5.94
C CYS A 430 18.55 11.28 5.28
N SER A 431 17.79 12.01 6.08
CA SER A 431 16.75 12.90 5.58
C SER A 431 16.70 14.17 6.44
N GLY A 432 15.82 15.10 6.08
CA GLY A 432 15.59 16.29 6.88
C GLY A 432 16.01 17.58 6.22
N THR A 433 16.50 17.50 4.98
CA THR A 433 16.91 18.68 4.24
C THR A 433 15.70 19.43 3.67
N GLN A 434 15.90 20.71 3.38
CA GLN A 434 14.87 21.54 2.74
C GLN A 434 13.56 21.53 3.50
N GLU A 435 12.50 21.04 2.86
CA GLU A 435 11.14 21.12 3.41
C GLU A 435 10.68 19.81 4.03
N ASP A 436 11.63 18.94 4.38
CA ASP A 436 11.32 17.68 5.05
C ASP A 436 10.73 17.93 6.43
N GLU A 437 9.85 17.02 6.87
CA GLU A 437 9.42 16.98 8.26
C GLU A 437 10.42 16.18 9.08
N SER A 438 10.73 16.66 10.28
CA SER A 438 11.57 15.92 11.20
C SER A 438 10.71 15.19 12.22
N PRO A 439 11.02 13.92 12.47
CA PRO A 439 10.36 13.16 13.53
C PRO A 439 10.66 13.70 14.93
N CYS A 440 9.66 13.59 15.80
CA CYS A 440 9.82 13.88 17.22
C CYS A 440 10.27 12.63 17.97
N LYS A 441 10.70 12.81 19.21
CA LYS A 441 11.20 11.69 20.02
C LYS A 441 10.15 10.60 20.19
N GLY A 442 8.90 11.00 20.43
CA GLY A 442 7.79 10.05 20.54
C GLY A 442 7.52 9.27 19.27
N GLU A 443 7.96 9.82 18.13
CA GLU A 443 7.73 9.20 16.83
C GLU A 443 8.87 8.27 16.45
N SER A 444 9.94 8.26 17.24
CA SER A 444 11.09 7.42 16.94
C SER A 444 10.75 5.94 17.15
N GLY A 445 11.44 5.06 16.42
CA GLY A 445 11.07 3.66 16.37
C GLY A 445 10.10 3.39 15.23
N GLY A 446 9.33 4.40 14.87
CA GLY A 446 8.40 4.30 13.74
C GLY A 446 9.10 3.93 12.45
N ALA A 447 8.33 3.47 11.48
CA ALA A 447 8.89 2.99 10.22
C ALA A 447 9.16 4.14 9.25
N VAL A 448 10.25 4.00 8.49
CA VAL A 448 10.48 4.82 7.32
C VAL A 448 10.20 3.96 6.08
N PHE A 449 9.15 4.31 5.35
CA PHE A 449 8.61 3.43 4.32
C PHE A 449 8.40 4.12 2.97
N LEU A 450 8.38 3.31 1.91
CA LEU A 450 8.10 3.76 0.56
C LEU A 450 6.78 3.16 0.07
N GLU A 451 6.16 3.82 -0.91
CA GLU A 451 5.04 3.23 -1.63
C GLU A 451 5.44 2.92 -3.08
N ARG A 452 5.32 1.66 -3.46
CA ARG A 452 5.55 1.24 -4.84
C ARG A 452 4.40 0.37 -5.32
N ARG A 453 3.84 0.72 -6.48
CA ARG A 453 2.62 0.10 -6.99
C ARG A 453 1.67 -0.31 -5.88
N PHE A 454 1.24 0.68 -5.11
CA PHE A 454 0.21 0.53 -4.07
C PHE A 454 0.61 -0.37 -2.90
N ARG A 455 1.89 -0.73 -2.81
CA ARG A 455 2.38 -1.55 -1.71
C ARG A 455 3.42 -0.82 -0.86
N PHE A 456 3.53 -1.18 0.41
CA PHE A 456 4.33 -0.42 1.35
C PHE A 456 5.55 -1.19 1.87
N PHE A 457 6.70 -0.52 1.87
CA PHE A 457 7.98 -1.16 2.15
C PHE A 457 8.78 -0.35 3.16
N GLN A 458 9.17 -0.99 4.25
CA GLN A 458 9.97 -0.34 5.28
C GLN A 458 11.45 -0.40 4.92
N VAL A 459 12.03 0.74 4.56
CA VAL A 459 13.47 0.79 4.27
C VAL A 459 14.27 1.19 5.51
N GLY A 460 13.60 1.79 6.47
CA GLY A 460 14.29 2.42 7.59
C GLY A 460 13.52 2.40 8.90
N LEU A 461 14.10 3.07 9.89
CA LEU A 461 13.64 2.99 11.26
C LEU A 461 14.12 4.26 11.96
N VAL A 462 13.19 5.14 12.30
CA VAL A 462 13.52 6.40 12.95
C VAL A 462 14.38 6.17 14.19
N SER A 463 15.56 6.79 14.22
CA SER A 463 16.50 6.65 15.33
C SER A 463 16.74 7.97 16.04
N TRP A 464 17.58 8.82 15.46
CA TRP A 464 17.89 10.13 16.04
C TRP A 464 17.87 11.27 15.03
N GLY A 465 18.15 12.48 15.51
CA GLY A 465 18.14 13.67 14.68
C GLY A 465 18.74 14.86 15.41
N LEU A 466 18.88 15.98 14.70
CA LEU A 466 19.57 17.14 15.24
C LEU A 466 18.59 18.16 15.84
N TYR A 467 17.34 18.08 15.42
CA TYR A 467 16.31 18.98 15.93
C TYR A 467 14.97 18.27 16.11
N ASN A 468 14.35 18.51 17.26
CA ASN A 468 13.02 17.96 17.56
C ASN A 468 11.94 19.03 17.47
N PRO A 469 11.02 18.86 16.53
CA PRO A 469 9.93 19.82 16.33
C PRO A 469 8.98 19.94 17.53
N CYS A 470 8.83 18.84 18.28
CA CYS A 470 7.92 18.81 19.43
C CYS A 470 8.58 19.32 20.71
N LEU A 471 9.88 19.60 20.65
CA LEU A 471 10.61 20.10 21.81
C LEU A 471 10.41 21.60 21.99
N GLY A 472 9.26 22.09 21.54
CA GLY A 472 8.88 23.49 21.70
C GLY A 472 8.90 23.98 23.14
N SER A 473 8.11 23.34 24.01
CA SER A 473 7.35 22.13 23.67
C SER A 473 5.88 22.28 24.02
N ALA A 474 5.61 22.79 25.22
CA ALA A 474 4.26 22.94 25.75
C ALA A 474 3.36 21.74 25.43
N ASP A 475 2.54 21.89 24.40
CA ASP A 475 1.58 20.84 24.03
C ASP A 475 2.16 19.92 22.97
N LYS A 480 2.90 21.72 19.66
CA LYS A 480 3.21 22.28 18.35
C LYS A 480 4.30 21.48 17.65
N ARG A 481 4.59 21.84 16.41
CA ARG A 481 5.78 21.35 15.71
C ARG A 481 6.45 22.48 14.93
N ALA A 482 7.52 23.03 15.49
CA ALA A 482 8.22 24.16 14.87
C ALA A 482 9.48 23.70 14.15
N PRO A 483 9.77 24.30 12.99
CA PRO A 483 11.04 24.07 12.29
C PRO A 483 12.14 25.07 12.66
N ARG A 484 11.99 26.32 12.23
CA ARG A 484 13.03 27.35 12.41
C ARG A 484 14.22 27.12 11.49
N SER A 485 14.71 28.19 10.86
CA SER A 485 15.70 28.06 9.79
C SER A 485 16.95 28.92 10.00
N LYS A 486 17.16 29.36 11.23
CA LYS A 486 18.43 29.98 11.60
C LYS A 486 19.21 29.13 12.61
N VAL A 487 18.55 28.09 13.13
CA VAL A 487 19.25 27.03 13.85
C VAL A 487 20.14 26.28 12.88
N PRO A 488 21.34 25.89 13.32
CA PRO A 488 22.25 25.13 12.49
C PRO A 488 22.28 23.61 12.74
N PRO A 489 21.80 22.83 11.77
CA PRO A 489 20.46 22.90 11.22
C PRO A 489 19.73 21.57 11.54
N PRO A 490 18.43 21.49 11.22
CA PRO A 490 17.67 20.24 11.40
C PRO A 490 18.04 19.14 10.40
N ARG A 491 18.18 17.90 10.90
CA ARG A 491 18.54 16.74 10.07
C ARG A 491 18.29 15.43 10.81
N ASP A 492 17.94 14.39 10.08
CA ASP A 492 17.41 13.16 10.69
C ASP A 492 18.06 11.90 10.14
N PHE A 493 18.37 10.96 11.02
CA PHE A 493 19.06 9.73 10.64
C PHE A 493 18.32 8.49 11.09
N HIS A 494 17.99 7.63 10.13
CA HIS A 494 17.22 6.41 10.39
C HIS A 494 18.09 5.19 10.17
N ILE A 495 17.86 4.13 10.93
CA ILE A 495 18.60 2.89 10.75
C ILE A 495 18.25 2.27 9.41
N ASN A 496 19.27 1.95 8.62
CA ASN A 496 19.08 1.38 7.30
C ASN A 496 18.91 -0.13 7.37
N LEU A 497 17.69 -0.60 7.16
CA LEU A 497 17.37 -2.03 7.27
C LEU A 497 18.19 -2.93 6.34
N PHE A 498 18.63 -2.38 5.21
CA PHE A 498 19.51 -3.11 4.30
C PHE A 498 20.85 -3.41 4.96
N ARG A 499 21.34 -2.47 5.75
CA ARG A 499 22.61 -2.65 6.46
C ARG A 499 22.45 -3.53 7.70
N MET A 500 21.26 -4.09 7.88
CA MET A 500 20.89 -4.72 9.15
C MET A 500 20.40 -6.14 8.94
N GLN A 501 20.75 -6.72 7.80
CA GLN A 501 20.12 -7.95 7.33
C GLN A 501 20.55 -9.21 8.10
N PRO A 502 21.84 -9.38 8.37
CA PRO A 502 22.33 -10.56 9.09
C PRO A 502 21.66 -10.72 10.45
N TRP A 503 21.36 -9.60 11.09
CA TRP A 503 20.68 -9.60 12.39
C TRP A 503 19.21 -9.98 12.23
N LEU A 504 18.50 -9.26 11.38
CA LEU A 504 17.09 -9.56 11.08
C LEU A 504 16.89 -11.03 10.74
N ARG A 505 17.73 -11.55 9.85
CA ARG A 505 17.74 -12.97 9.53
C ARG A 505 17.91 -13.82 10.79
N GLN A 506 18.94 -13.51 11.56
CA GLN A 506 19.26 -14.26 12.77
C GLN A 506 18.04 -14.54 13.64
N HIS A 507 17.07 -13.63 13.62
CA HIS A 507 15.97 -13.68 14.58
C HIS A 507 14.59 -13.88 13.95
N LEU A 508 14.50 -13.70 12.64
CA LEU A 508 13.23 -13.75 11.95
C LEU A 508 13.15 -14.85 10.89
N GLY A 509 14.14 -15.73 10.89
CA GLY A 509 14.25 -16.79 9.87
C GLY A 509 13.11 -17.80 9.87
N ASP A 510 12.42 -17.90 10.99
CA ASP A 510 11.22 -18.73 11.07
C ASP A 510 9.98 -17.94 10.65
N VAL A 511 10.08 -16.62 10.77
CA VAL A 511 8.93 -15.75 10.59
C VAL A 511 8.76 -15.31 9.14
N LEU A 512 9.86 -14.90 8.53
CA LEU A 512 9.86 -14.48 7.13
C LEU A 512 10.81 -15.34 6.30
N ASN A 513 10.46 -15.55 5.03
CA ASN A 513 11.37 -16.21 4.11
C ASN A 513 12.28 -15.21 3.42
N PHE A 514 13.53 -15.16 3.85
CA PHE A 514 14.50 -14.20 3.33
C PHE A 514 15.07 -14.64 1.99
N LEU A 515 15.49 -13.68 1.19
CA LEU A 515 16.13 -13.95 -0.09
C LEU A 515 17.65 -13.95 0.07
N PRO A 516 18.36 -14.61 -0.85
CA PRO A 516 19.81 -14.52 -0.92
C PRO A 516 20.33 -13.10 -0.67
N LEU A 517 21.41 -13.00 0.09
CA LEU A 517 22.00 -11.70 0.42
C LEU A 517 22.50 -10.99 -0.84
C1 NAG B . -14.45 3.33 -40.89
C2 NAG B . -13.41 2.29 -40.50
C3 NAG B . -12.06 2.53 -41.18
C4 NAG B . -12.16 2.85 -42.67
C5 NAG B . -13.34 3.82 -42.93
C6 NAG B . -13.63 4.02 -44.41
C7 NAG B . -13.17 1.18 -38.35
C8 NAG B . -14.47 0.65 -37.81
N2 NAG B . -13.24 2.31 -39.05
O3 NAG B . -11.23 1.41 -41.01
O4 NAG B . -10.94 3.46 -43.04
O5 NAG B . -14.52 3.35 -42.31
O6 NAG B . -14.10 2.81 -44.97
O7 NAG B . -12.12 0.59 -38.13
C1 NAG B . -10.27 2.93 -44.21
C2 NAG B . -9.81 1.47 -44.14
C3 NAG B . -8.82 1.19 -45.27
C4 NAG B . -9.37 1.69 -46.61
C5 NAG B . -9.98 3.09 -46.52
C6 NAG B . -10.63 3.50 -47.83
C7 NAG B . -8.02 1.23 -42.45
C8 NAG B . -7.37 0.00 -41.90
N2 NAG B . -9.29 1.11 -42.82
O3 NAG B . -8.52 -0.19 -45.35
O4 NAG B . -8.34 1.69 -47.57
O5 NAG B . -10.90 3.17 -45.45
O6 NAG B . -11.93 2.96 -47.93
O7 NAG B . -7.38 2.29 -42.54
C1 BMA B . -7.12 -0.43 -45.63
C2 BMA B . -6.96 -1.50 -46.71
C3 BMA B . -5.48 -1.78 -47.01
C4 BMA B . -4.67 -0.50 -47.14
C5 BMA B . -4.98 0.47 -46.01
C6 BMA B . -4.20 1.78 -46.11
O2 BMA B . -7.62 -1.10 -47.88
O3 BMA B . -5.36 -2.55 -48.19
O4 BMA B . -3.29 -0.81 -47.15
O5 BMA B . -6.37 0.72 -45.97
O6 BMA B . -4.34 2.34 -47.41
C1 FUL B . -15.21 3.09 -45.84
C2 FUL B . -16.27 2.00 -45.68
O2 FUL B . -16.82 2.05 -44.36
C3 FUL B . -17.41 2.12 -46.69
O3 FUL B . -18.14 0.90 -46.71
C4 FUL B . -16.91 2.44 -48.10
O4 FUL B . -16.35 1.26 -48.68
C5 FUL B . -15.87 3.56 -48.07
C6 FUL B . -15.34 3.87 -49.46
O5 FUL B . -14.80 3.18 -47.21
C1 NAG C . -10.90 1.67 2.83
C2 NAG C . -11.35 0.30 2.33
C3 NAG C . -12.88 0.21 2.26
C4 NAG C . -13.54 0.68 3.55
C5 NAG C . -12.94 2.00 4.04
C6 NAG C . -13.42 2.32 5.46
C7 NAG C . -9.78 -0.86 0.86
C8 NAG C . -9.30 -1.08 -0.53
N2 NAG C . -10.79 0.00 1.02
O3 NAG C . -13.25 -1.13 2.01
O4 NAG C . -14.93 0.83 3.33
O5 NAG C . -11.53 1.95 4.07
O6 NAG C . -13.32 3.70 5.70
O7 NAG C . -9.25 -1.45 1.81
C1 NAG C . -15.70 0.13 4.33
C2 NAG C . -17.10 0.73 4.41
C3 NAG C . -17.92 0.08 5.51
C4 NAG C . -17.81 -1.45 5.55
C5 NAG C . -16.39 -1.93 5.21
C6 NAG C . -16.32 -3.44 4.99
C7 NAG C . -17.38 3.08 3.76
C8 NAG C . -17.74 4.42 4.30
N2 NAG C . -17.01 2.16 4.66
O3 NAG C . -19.27 0.46 5.37
O4 NAG C . -18.11 -1.84 6.88
O5 NAG C . -15.84 -1.26 4.09
O6 NAG C . -17.34 -3.87 4.11
O7 NAG C . -17.41 2.86 2.55
C1 BMA C . -19.27 -2.72 7.02
C2 BMA C . -20.51 -1.96 7.47
C3 BMA C . -21.64 -2.94 7.82
C4 BMA C . -21.80 -4.02 6.75
C5 BMA C . -20.45 -4.60 6.31
C6 BMA C . -20.63 -5.61 5.18
O2 BMA C . -20.95 -1.08 6.46
O3 BMA C . -22.86 -2.24 7.96
O4 BMA C . -22.63 -5.05 7.25
O5 BMA C . -19.59 -3.55 5.91
O6 BMA C . -21.23 -6.78 5.68
C1 NAG D . -1.21 16.37 12.24
C2 NAG D . -2.30 17.39 11.89
C3 NAG D . -1.99 18.08 10.56
C4 NAG D . -0.56 18.63 10.54
C5 NAG D . 0.42 17.52 10.94
C6 NAG D . 1.85 18.03 11.00
C7 NAG D . -4.55 17.11 12.73
C8 NAG D . -5.69 17.93 12.19
N2 NAG D . -3.60 16.77 11.85
O3 NAG D . -2.91 19.12 10.33
O4 NAG D . -0.26 19.11 9.24
O5 NAG D . 0.06 16.98 12.20
O6 NAG D . 2.03 18.82 12.16
O7 NAG D . -4.52 16.78 13.91
C1 NAG D . -0.16 20.55 9.24
C2 NAG D . 0.48 21.03 7.94
C3 NAG D . 0.60 22.55 7.88
C4 NAG D . -0.69 23.24 8.33
C5 NAG D . -1.31 22.58 9.56
C6 NAG D . -2.71 23.15 9.82
C7 NAG D . 2.06 19.58 6.78
C8 NAG D . 2.87 20.12 5.63
N2 NAG D . 1.79 20.42 7.77
O3 NAG D . 0.90 22.95 6.58
O4 NAG D . -0.43 24.60 8.59
O5 NAG D . -1.41 21.19 9.38
O6 NAG D . -3.54 22.81 8.73
O7 NAG D . 1.67 18.40 6.77
C1 NAG E . -4.65 -19.01 -7.76
C2 NAG E . -5.76 -19.94 -7.24
C3 NAG E . -5.39 -21.43 -7.07
C4 NAG E . -4.18 -21.87 -7.88
C5 NAG E . -3.11 -20.78 -7.90
C6 NAG E . -1.85 -21.23 -8.62
C7 NAG E . -5.54 -19.16 -4.92
C8 NAG E . -5.24 -17.73 -4.60
N2 NAG E . -6.29 -19.42 -5.99
O3 NAG E . -6.50 -22.22 -7.42
O4 NAG E . -3.65 -23.06 -7.33
O5 NAG E . -3.68 -19.67 -8.55
O6 NAG E . -1.41 -20.23 -9.50
O7 NAG E . -5.09 -20.05 -4.19
C1 NAG F . -14.69 10.55 1.13
C2 NAG F . -16.19 10.28 0.93
C3 NAG F . -16.86 11.10 -0.19
C4 NAG F . -16.22 12.46 -0.45
C5 NAG F . -14.69 12.36 -0.37
C6 NAG F . -14.03 13.71 -0.65
C7 NAG F . -16.84 8.28 -0.38
C8 NAG F . -15.84 8.09 -1.48
N2 NAG F . -16.41 8.85 0.74
O3 NAG F . -18.22 11.29 0.12
O4 NAG F . -16.59 12.91 -1.73
O5 NAG F . -14.34 11.91 0.92
O6 NAG F . -14.35 14.62 0.37
O7 NAG F . -18.01 7.92 -0.53
#